data_4N3W
#
_entry.id   4N3W
#
_cell.length_a   92.460
_cell.length_b   59.312
_cell.length_c   53.444
_cell.angle_alpha   90.00
_cell.angle_beta   102.96
_cell.angle_gamma   90.00
#
_symmetry.space_group_name_H-M   'C 1 2 1'
#
loop_
_entity.id
_entity.type
_entity.pdbx_description
1 polymer 'CREB-binding protein'
2 polymer 'Histone H4 peptide'
3 non-polymer 'ZINC ION'
4 water water
#
loop_
_entity_poly.entity_id
_entity_poly.type
_entity_poly.pdbx_seq_one_letter_code
_entity_poly.pdbx_strand_id
1 'polypeptide(L)'
;PRKKIFKPEELRQALMPTLEALYRQDPESLPFRQPVDPQLLGIPDYFDIVKNPMDLSTIKRKLDTGQYQEPWQYVDDVWL
MFNNAWLYNRKTSRVYKFCSKLAEVFEQEIDPVMQSLGYCCGRKYEFSPQTLCCYGKQLCTIPRDAAYYSYQNRYHFCEK
CFTEIQGENVTLGDDPSQPQTTISKDQFEKKKNDTLDPEPFVDCKECGRKMHQICVLHYDIIWPSGFVCDNCLKKTG
;
A
2 'polypeptide(L)' GGAKRHR(ALY)VLRDNIQ C
#
loop_
_chem_comp.id
_chem_comp.type
_chem_comp.name
_chem_comp.formula
ZN non-polymer 'ZINC ION' 'Zn 2'
#
# COMPACT_ATOMS: atom_id res chain seq x y z
N LYS A 3 -8.07 2.47 20.39
CA LYS A 3 -7.60 3.20 21.60
C LYS A 3 -6.34 3.99 21.24
N LYS A 4 -5.31 3.33 20.69
CA LYS A 4 -4.13 4.07 20.20
C LYS A 4 -4.46 5.07 19.11
N ILE A 5 -4.19 6.32 19.42
CA ILE A 5 -4.28 7.36 18.35
C ILE A 5 -2.91 7.85 17.88
N PHE A 6 -2.71 7.92 16.56
CA PHE A 6 -1.44 8.36 16.01
C PHE A 6 -1.51 9.85 15.70
N LYS A 7 -0.59 10.65 16.25
CA LYS A 7 -0.56 12.07 15.94
C LYS A 7 0.21 12.30 14.61
N PRO A 8 -0.09 13.38 13.88
CA PRO A 8 0.41 13.54 12.50
C PRO A 8 1.91 13.48 12.39
N GLU A 9 2.60 14.07 13.37
CA GLU A 9 4.05 14.20 13.31
C GLU A 9 4.77 12.87 13.52
N GLU A 10 4.16 11.99 14.33
CA GLU A 10 4.65 10.65 14.54
C GLU A 10 4.55 9.81 13.24
N LEU A 11 3.43 9.91 12.54
CA LEU A 11 3.25 9.22 11.23
C LEU A 11 4.23 9.74 10.16
N ARG A 12 4.30 11.06 10.06
CA ARG A 12 5.13 11.76 9.09
C ARG A 12 6.57 11.43 9.36
N GLN A 13 7.05 11.62 10.59
CA GLN A 13 8.39 11.20 10.93
C GLN A 13 8.74 9.72 10.65
N ALA A 14 7.82 8.80 10.88
CA ALA A 14 8.16 7.42 10.70
C ALA A 14 8.08 7.03 9.20
N LEU A 15 7.03 7.49 8.55
CA LEU A 15 6.64 7.02 7.22
C LEU A 15 7.37 7.78 6.09
N MET A 16 7.60 9.07 6.31
CA MET A 16 8.12 9.92 5.21
C MET A 16 9.44 9.36 4.62
N PRO A 17 10.31 8.77 5.44
CA PRO A 17 11.49 8.22 4.81
C PRO A 17 11.21 7.05 3.87
N THR A 18 10.06 6.39 4.00
CA THR A 18 9.71 5.35 3.04
C THR A 18 9.26 6.00 1.78
N LEU A 19 8.55 7.14 1.87
CA LEU A 19 8.19 7.83 0.69
C LEU A 19 9.39 8.50 -0.05
N GLU A 20 10.35 9.01 0.72
CA GLU A 20 11.57 9.56 0.14
C GLU A 20 12.32 8.45 -0.59
N ALA A 21 12.31 7.23 -0.08
CA ALA A 21 13.03 6.10 -0.76
C ALA A 21 12.45 5.87 -2.16
N LEU A 22 11.15 6.10 -2.33
CA LEU A 22 10.54 6.03 -3.64
C LEU A 22 10.98 7.20 -4.49
N TYR A 23 10.80 8.40 -3.98
CA TYR A 23 11.24 9.58 -4.70
C TYR A 23 12.73 9.54 -5.21
N ARG A 24 13.60 8.99 -4.42
CA ARG A 24 15.01 8.84 -4.78
C ARG A 24 15.21 8.01 -6.06
N GLN A 25 14.22 7.17 -6.40
CA GLN A 25 14.41 6.26 -7.55
C GLN A 25 14.29 7.04 -8.83
N ASP A 26 15.39 7.08 -9.61
CA ASP A 26 15.43 7.87 -10.86
C ASP A 26 15.98 6.92 -11.89
N PRO A 27 15.27 6.65 -12.97
CA PRO A 27 14.15 7.25 -13.60
C PRO A 27 12.78 6.83 -12.99
N GLU A 28 12.77 5.83 -12.13
CA GLU A 28 11.54 5.11 -11.80
C GLU A 28 10.42 5.94 -11.14
N SER A 29 10.75 6.89 -10.26
CA SER A 29 9.72 7.69 -9.63
C SER A 29 9.12 8.74 -10.50
N LEU A 30 9.77 9.11 -11.62
CA LEU A 30 9.35 10.32 -12.31
C LEU A 30 7.93 10.36 -12.81
N PRO A 31 7.41 9.25 -13.37
CA PRO A 31 5.97 9.25 -13.73
C PRO A 31 5.00 9.29 -12.51
N PHE A 32 5.55 9.03 -11.30
CA PHE A 32 4.77 8.95 -10.08
C PHE A 32 4.81 10.23 -9.19
N ARG A 33 5.50 11.24 -9.68
CA ARG A 33 5.75 12.44 -8.88
C ARG A 33 4.62 13.46 -8.90
N GLN A 34 3.65 13.34 -9.81
CA GLN A 34 2.57 14.28 -9.89
C GLN A 34 1.32 13.51 -10.31
N PRO A 35 0.08 14.06 -10.08
CA PRO A 35 -1.14 13.39 -10.59
C PRO A 35 -1.07 13.19 -12.08
N VAL A 36 -1.41 11.98 -12.51
CA VAL A 36 -1.57 11.71 -13.92
C VAL A 36 -2.54 12.71 -14.54
N ASP A 37 -2.08 13.40 -15.61
CA ASP A 37 -2.86 14.40 -16.39
C ASP A 37 -3.15 13.78 -17.74
N PRO A 38 -4.36 13.22 -17.97
CA PRO A 38 -4.59 12.47 -19.19
C PRO A 38 -4.54 13.26 -20.49
N GLN A 39 -4.82 14.55 -20.44
CA GLN A 39 -4.56 15.46 -21.57
C GLN A 39 -3.09 15.48 -21.94
N LEU A 40 -2.26 15.94 -21.03
CA LEU A 40 -0.81 16.01 -21.25
C LEU A 40 -0.27 14.69 -21.76
N LEU A 41 -0.68 13.58 -21.15
CA LEU A 41 -0.10 12.27 -21.43
C LEU A 41 -0.73 11.55 -22.63
N GLY A 42 -1.74 12.16 -23.22
CA GLY A 42 -2.44 11.57 -24.37
C GLY A 42 -3.23 10.31 -24.09
N ILE A 43 -3.82 10.21 -22.89
CA ILE A 43 -4.50 8.97 -22.47
C ILE A 43 -5.92 9.27 -22.04
N PRO A 44 -6.81 9.57 -23.03
CA PRO A 44 -8.14 10.07 -22.68
C PRO A 44 -9.04 9.04 -22.01
N ASP A 45 -8.68 7.76 -22.08
CA ASP A 45 -9.46 6.73 -21.39
C ASP A 45 -8.95 6.45 -19.94
N TYR A 46 -8.00 7.25 -19.41
CA TYR A 46 -7.44 6.99 -18.09
C TYR A 46 -8.44 6.84 -16.95
N PHE A 47 -9.29 7.86 -16.75
CA PHE A 47 -10.31 7.82 -15.73
C PHE A 47 -11.48 6.86 -16.10
N ASP A 48 -11.53 6.32 -17.31
CA ASP A 48 -12.39 5.15 -17.55
C ASP A 48 -11.84 3.89 -16.81
N ILE A 49 -10.54 3.83 -16.64
CA ILE A 49 -9.89 2.65 -16.10
C ILE A 49 -9.55 2.85 -14.62
N VAL A 50 -8.96 4.00 -14.28
CA VAL A 50 -8.54 4.31 -12.90
C VAL A 50 -9.58 5.21 -12.29
N LYS A 51 -10.36 4.69 -11.35
CA LYS A 51 -11.46 5.40 -10.75
C LYS A 51 -10.97 6.24 -9.61
N ASN A 52 -9.82 5.90 -9.04
CA ASN A 52 -9.33 6.51 -7.84
C ASN A 52 -7.84 6.74 -7.91
N PRO A 53 -7.45 7.84 -8.59
CA PRO A 53 -6.04 8.06 -8.77
C PRO A 53 -5.30 8.40 -7.51
N MET A 54 -4.01 8.08 -7.56
CA MET A 54 -3.05 8.32 -6.48
C MET A 54 -1.65 8.48 -6.98
N ASP A 55 -0.84 9.26 -6.24
CA ASP A 55 0.54 9.60 -6.62
C ASP A 55 1.33 10.11 -5.48
N LEU A 56 2.64 10.18 -5.67
CA LEU A 56 3.59 10.51 -4.61
C LEU A 56 3.28 11.85 -3.99
N SER A 57 2.88 12.78 -4.82
CA SER A 57 2.68 14.17 -4.31
C SER A 57 1.45 14.24 -3.39
N THR A 58 0.41 13.49 -3.75
CA THR A 58 -0.86 13.48 -3.00
C THR A 58 -0.57 12.78 -1.68
N ILE A 59 0.14 11.66 -1.72
CA ILE A 59 0.51 10.95 -0.49
C ILE A 59 1.37 11.84 0.46
N LYS A 60 2.28 12.60 -0.14
CA LYS A 60 3.18 13.47 0.66
C LYS A 60 2.31 14.56 1.30
N ARG A 61 1.43 15.12 0.51
CA ARG A 61 0.47 16.17 0.97
C ARG A 61 -0.46 15.61 2.08
N LYS A 62 -0.91 14.35 1.94
CA LYS A 62 -1.66 13.70 3.00
C LYS A 62 -0.87 13.53 4.33
N LEU A 63 0.41 13.17 4.23
CA LEU A 63 1.27 13.11 5.39
C LEU A 63 1.55 14.51 6.03
N ASP A 64 1.78 15.46 5.15
CA ASP A 64 2.14 16.85 5.53
C ASP A 64 1.02 17.63 6.22
N THR A 65 -0.22 17.26 5.95
CA THR A 65 -1.42 17.94 6.44
C THR A 65 -2.25 17.01 7.39
N GLY A 66 -1.69 15.87 7.79
CA GLY A 66 -2.34 15.02 8.81
C GLY A 66 -3.56 14.24 8.41
N GLN A 67 -3.70 13.86 7.13
CA GLN A 67 -4.90 13.16 6.71
C GLN A 67 -4.93 11.66 7.03
N TYR A 68 -3.86 11.09 7.57
CA TYR A 68 -3.91 9.64 7.89
C TYR A 68 -4.02 9.54 9.43
N GLN A 69 -4.88 8.64 9.90
CA GLN A 69 -5.04 8.44 11.34
C GLN A 69 -4.17 7.33 11.78
N GLU A 70 -3.95 6.37 10.86
CA GLU A 70 -3.10 5.27 11.19
C GLU A 70 -2.35 4.76 9.93
N PRO A 71 -1.22 4.10 10.13
CA PRO A 71 -0.26 3.99 9.06
C PRO A 71 -0.67 2.99 7.97
N TRP A 72 -1.63 2.09 8.23
CA TRP A 72 -2.12 1.21 7.16
C TRP A 72 -2.87 2.03 6.11
N GLN A 73 -3.35 3.24 6.47
CA GLN A 73 -3.95 4.05 5.48
C GLN A 73 -2.92 4.60 4.48
N TYR A 74 -1.74 4.89 4.98
CA TYR A 74 -0.61 5.29 4.10
C TYR A 74 -0.21 4.11 3.19
N VAL A 75 0.05 2.95 3.77
CA VAL A 75 0.34 1.76 2.97
C VAL A 75 -0.70 1.52 1.88
N ASP A 76 -2.01 1.60 2.23
CA ASP A 76 -3.06 1.44 1.25
C ASP A 76 -2.94 2.42 0.10
N ASP A 77 -2.61 3.67 0.38
CA ASP A 77 -2.48 4.64 -0.74
C ASP A 77 -1.28 4.32 -1.60
N VAL A 78 -0.16 3.95 -1.01
CA VAL A 78 1.04 3.52 -1.78
C VAL A 78 0.67 2.42 -2.78
N TRP A 79 -0.03 1.37 -2.30
CA TRP A 79 -0.45 0.27 -3.19
C TRP A 79 -1.55 0.64 -4.20
N LEU A 80 -2.43 1.59 -3.85
CA LEU A 80 -3.43 2.08 -4.77
C LEU A 80 -2.67 2.75 -5.95
N MET A 81 -1.66 3.49 -5.65
CA MET A 81 -0.83 4.16 -6.71
C MET A 81 -0.16 3.12 -7.59
N PHE A 82 0.44 2.12 -6.94
CA PHE A 82 1.10 1.00 -7.71
C PHE A 82 0.09 0.24 -8.55
N ASN A 83 -1.00 -0.15 -7.91
CA ASN A 83 -2.05 -0.96 -8.56
C ASN A 83 -2.70 -0.25 -9.72
N ASN A 84 -2.98 1.06 -9.56
CA ASN A 84 -3.46 1.84 -10.69
C ASN A 84 -2.54 1.77 -11.90
N ALA A 85 -1.24 1.93 -11.67
CA ALA A 85 -0.28 1.92 -12.73
C ALA A 85 -0.08 0.52 -13.39
N TRP A 86 -0.08 -0.53 -12.60
CA TRP A 86 -0.02 -1.89 -13.16
C TRP A 86 -1.31 -2.20 -13.88
N LEU A 87 -2.44 -1.63 -13.46
CA LEU A 87 -3.68 -1.84 -14.22
C LEU A 87 -3.69 -1.10 -15.57
N TYR A 88 -3.43 0.21 -15.54
CA TYR A 88 -3.51 1.02 -16.74
C TYR A 88 -2.47 0.68 -17.81
N ASN A 89 -1.21 0.62 -17.41
CA ASN A 89 -0.12 0.49 -18.32
C ASN A 89 0.08 -0.98 -18.68
N ARG A 90 0.52 -1.22 -19.88
CA ARG A 90 0.82 -2.63 -20.27
C ARG A 90 2.06 -3.18 -19.54
N LYS A 91 2.10 -4.50 -19.33
CA LYS A 91 3.24 -5.14 -18.75
C LYS A 91 4.59 -4.82 -19.38
N THR A 92 4.60 -4.53 -20.68
CA THR A 92 5.81 -4.25 -21.40
C THR A 92 6.21 -2.80 -21.41
N SER A 93 5.40 -1.93 -20.81
CA SER A 93 5.66 -0.52 -20.88
C SER A 93 6.68 -0.17 -19.82
N ARG A 94 7.43 0.87 -20.13
CA ARG A 94 8.38 1.43 -19.18
C ARG A 94 7.75 1.77 -17.83
N VAL A 95 6.62 2.48 -17.85
CA VAL A 95 5.95 2.93 -16.61
C VAL A 95 5.55 1.71 -15.74
N TYR A 96 5.08 0.65 -16.37
CA TYR A 96 4.77 -0.56 -15.57
C TYR A 96 6.02 -1.13 -14.89
N LYS A 97 7.11 -1.25 -15.64
CA LYS A 97 8.34 -1.80 -15.12
C LYS A 97 8.93 -0.90 -13.99
N PHE A 98 8.82 0.42 -14.16
CA PHE A 98 9.21 1.35 -13.11
C PHE A 98 8.38 1.13 -11.86
N CYS A 99 7.09 0.92 -12.05
CA CYS A 99 6.22 0.66 -10.95
C CYS A 99 6.70 -0.52 -10.14
N SER A 100 7.03 -1.66 -10.82
CA SER A 100 7.52 -2.86 -10.09
C SER A 100 8.79 -2.55 -9.28
N LYS A 101 9.68 -1.70 -9.81
CA LYS A 101 10.91 -1.32 -9.07
C LYS A 101 10.57 -0.53 -7.77
N LEU A 102 9.67 0.43 -7.89
CA LEU A 102 9.22 1.21 -6.75
C LEU A 102 8.62 0.28 -5.68
N ALA A 103 7.86 -0.69 -6.13
CA ALA A 103 7.22 -1.61 -5.21
C ALA A 103 8.24 -2.51 -4.53
N GLU A 104 9.24 -3.00 -5.27
CA GLU A 104 10.36 -3.71 -4.68
C GLU A 104 11.02 -2.88 -3.58
N VAL A 105 11.35 -1.62 -3.89
CA VAL A 105 11.95 -0.69 -2.92
C VAL A 105 11.04 -0.49 -1.68
N PHE A 106 9.75 -0.27 -1.92
CA PHE A 106 8.82 -0.13 -0.81
C PHE A 106 8.81 -1.32 0.10
N GLU A 107 8.66 -2.51 -0.47
CA GLU A 107 8.59 -3.74 0.31
C GLU A 107 9.77 -3.96 1.21
N GLN A 108 10.93 -3.47 0.80
CA GLN A 108 12.16 -3.58 1.58
C GLN A 108 12.29 -2.50 2.67
N GLU A 109 11.56 -1.40 2.55
CA GLU A 109 11.64 -0.31 3.51
C GLU A 109 10.56 -0.35 4.63
N ILE A 110 9.40 -0.90 4.31
CA ILE A 110 8.19 -0.58 5.10
C ILE A 110 8.14 -1.38 6.40
N ASP A 111 8.73 -2.59 6.46
CA ASP A 111 8.56 -3.45 7.63
C ASP A 111 9.20 -2.85 8.90
N PRO A 112 10.48 -2.40 8.83
CA PRO A 112 11.16 -1.83 10.03
C PRO A 112 10.41 -0.65 10.58
N VAL A 113 9.83 0.15 9.68
CA VAL A 113 9.12 1.36 10.02
C VAL A 113 7.76 1.06 10.62
N MET A 114 7.07 0.11 10.06
CA MET A 114 5.82 -0.33 10.71
C MET A 114 6.05 -0.98 12.09
N GLN A 115 7.12 -1.76 12.22
CA GLN A 115 7.51 -2.33 13.50
C GLN A 115 7.88 -1.27 14.59
N SER A 116 8.51 -0.15 14.17
CA SER A 116 8.79 1.02 15.02
C SER A 116 7.51 1.67 15.51
N LEU A 117 6.41 1.53 14.76
CA LEU A 117 5.13 2.04 15.17
C LEU A 117 4.22 1.01 15.97
N GLY A 118 4.81 -0.12 16.34
CA GLY A 118 4.13 -1.18 17.12
C GLY A 118 3.47 -2.32 16.34
N TYR A 119 3.61 -2.31 15.03
CA TYR A 119 2.97 -3.31 14.18
C TYR A 119 3.84 -4.55 13.99
N CYS A 120 3.23 -5.59 13.45
CA CYS A 120 3.98 -6.85 13.17
C CYS A 120 4.97 -6.71 12.02
N CYS A 121 4.56 -5.94 11.01
CA CYS A 121 5.27 -5.74 9.73
C CYS A 121 4.45 -4.71 8.91
N GLY A 122 4.92 -4.39 7.72
CA GLY A 122 4.21 -3.53 6.82
C GLY A 122 3.74 -4.09 5.48
N ARG A 123 3.73 -5.42 5.39
CA ARG A 123 3.40 -6.15 4.18
C ARG A 123 1.91 -6.28 3.97
N LYS A 124 1.44 -5.66 2.90
CA LYS A 124 0.03 -5.69 2.53
C LYS A 124 -0.49 -6.99 2.00
N TYR A 125 0.22 -7.59 1.04
CA TYR A 125 -0.35 -8.76 0.32
C TYR A 125 0.21 -10.09 0.82
N GLU A 126 -0.62 -11.13 0.73
CA GLU A 126 -0.15 -12.48 1.00
C GLU A 126 1.01 -12.78 0.08
N PHE A 127 1.84 -13.74 0.50
CA PHE A 127 3.07 -14.06 -0.21
C PHE A 127 2.85 -14.75 -1.54
N SER A 128 1.79 -15.55 -1.68
CA SER A 128 1.53 -16.22 -2.96
C SER A 128 0.06 -16.44 -3.09
N PRO A 129 -0.42 -16.75 -4.30
CA PRO A 129 -1.85 -17.01 -4.41
C PRO A 129 -2.24 -18.30 -3.69
N GLN A 130 -3.48 -18.34 -3.23
CA GLN A 130 -4.04 -19.53 -2.61
C GLN A 130 -4.30 -20.58 -3.68
N THR A 131 -3.96 -21.83 -3.41
CA THR A 131 -4.30 -22.90 -4.36
C THR A 131 -5.84 -23.03 -4.39
N LEU A 132 -6.42 -23.07 -5.58
CA LEU A 132 -7.87 -23.12 -5.70
C LEU A 132 -8.25 -24.58 -5.75
N CYS A 133 -9.45 -24.87 -5.26
CA CYS A 133 -10.01 -26.24 -5.26
C CYS A 133 -10.71 -26.60 -6.58
N ASP A 174 -13.79 -6.07 -1.93
CA ASP A 174 -12.53 -5.53 -2.36
C ASP A 174 -11.71 -4.95 -1.19
N ASP A 175 -11.03 -3.82 -1.40
CA ASP A 175 -10.00 -3.35 -0.50
C ASP A 175 -9.65 -1.91 -0.97
N PRO A 176 -9.25 -1.04 -0.08
CA PRO A 176 -9.02 0.34 -0.46
C PRO A 176 -7.90 0.51 -1.55
N SER A 177 -7.03 -0.48 -1.76
CA SER A 177 -5.99 -0.38 -2.76
C SER A 177 -6.35 -1.05 -4.05
N GLN A 178 -7.51 -1.70 -4.10
CA GLN A 178 -7.87 -2.45 -5.29
C GLN A 178 -8.53 -1.45 -6.23
N PRO A 179 -8.01 -1.37 -7.46
CA PRO A 179 -8.64 -0.34 -8.28
C PRO A 179 -10.11 -0.74 -8.60
N GLN A 180 -11.07 0.12 -8.32
CA GLN A 180 -12.49 -0.30 -8.47
C GLN A 180 -12.93 -0.40 -9.90
N THR A 181 -14.03 -1.11 -10.10
CA THR A 181 -14.56 -1.41 -11.42
C THR A 181 -16.06 -1.08 -11.31
N THR A 182 -16.63 -0.55 -12.38
CA THR A 182 -18.04 -0.11 -12.38
C THR A 182 -18.89 -1.14 -13.11
N LYS A 190 -11.93 -17.67 -18.52
CA LYS A 190 -10.54 -18.07 -18.43
C LYS A 190 -9.80 -17.01 -17.58
N LYS A 191 -9.26 -17.47 -16.46
CA LYS A 191 -8.45 -16.65 -15.59
C LYS A 191 -7.11 -17.32 -15.43
N LYS A 192 -6.24 -16.67 -14.69
CA LYS A 192 -4.93 -17.22 -14.36
C LYS A 192 -4.72 -16.99 -12.85
N ASN A 193 -4.19 -18.02 -12.17
CA ASN A 193 -4.23 -18.08 -10.73
C ASN A 193 -3.05 -17.32 -10.15
N ASP A 194 -2.98 -16.02 -10.33
CA ASP A 194 -1.77 -15.30 -9.85
C ASP A 194 -2.13 -14.05 -9.08
N THR A 195 -3.39 -13.97 -8.64
CA THR A 195 -3.83 -12.81 -7.84
C THR A 195 -3.32 -12.95 -6.41
N LEU A 196 -2.92 -11.82 -5.82
CA LEU A 196 -2.47 -11.79 -4.43
C LEU A 196 -3.51 -10.99 -3.69
N ASP A 197 -4.13 -11.60 -2.68
CA ASP A 197 -5.06 -10.94 -1.80
C ASP A 197 -4.38 -10.33 -0.61
N PRO A 198 -4.99 -9.28 0.00
CA PRO A 198 -4.46 -8.72 1.21
C PRO A 198 -4.45 -9.70 2.36
N GLU A 199 -3.36 -9.66 3.13
CA GLU A 199 -3.19 -10.51 4.31
C GLU A 199 -4.21 -10.03 5.34
N PRO A 200 -5.11 -10.95 5.80
CA PRO A 200 -6.15 -10.43 6.68
C PRO A 200 -5.67 -10.04 8.07
N PHE A 201 -6.39 -9.13 8.70
CA PHE A 201 -6.07 -8.64 10.02
C PHE A 201 -6.95 -9.17 11.17
N VAL A 202 -6.42 -8.96 12.37
CA VAL A 202 -7.12 -9.11 13.65
C VAL A 202 -6.70 -7.87 14.42
N ASP A 203 -7.64 -7.20 15.08
CA ASP A 203 -7.31 -6.00 15.85
C ASP A 203 -6.90 -6.34 17.26
N CYS A 204 -5.89 -5.66 17.79
CA CYS A 204 -5.61 -5.77 19.15
C CYS A 204 -6.83 -5.24 19.95
N LYS A 205 -7.32 -6.01 20.92
CA LYS A 205 -8.47 -5.58 21.69
C LYS A 205 -8.21 -4.31 22.43
N GLU A 206 -6.99 -4.17 22.91
CA GLU A 206 -6.62 -3.09 23.80
C GLU A 206 -6.18 -1.77 23.08
N CYS A 207 -5.28 -1.86 22.11
CA CYS A 207 -4.80 -0.60 21.44
C CYS A 207 -5.45 -0.29 20.14
N GLY A 208 -6.20 -1.24 19.57
CA GLY A 208 -6.83 -1.06 18.29
C GLY A 208 -5.95 -1.25 17.04
N ARG A 209 -4.67 -1.49 17.18
CA ARG A 209 -3.81 -1.85 16.04
C ARG A 209 -4.28 -3.04 15.25
N LYS A 210 -4.25 -2.88 13.94
CA LYS A 210 -4.57 -3.96 13.01
C LYS A 210 -3.27 -4.70 12.81
N MET A 211 -3.26 -5.98 13.17
CA MET A 211 -2.09 -6.87 13.06
C MET A 211 -2.42 -8.02 12.14
N HIS A 212 -1.45 -8.62 11.43
CA HIS A 212 -1.84 -9.72 10.55
C HIS A 212 -2.13 -10.99 11.39
N GLN A 213 -3.20 -11.69 11.10
CA GLN A 213 -3.51 -12.99 11.70
C GLN A 213 -2.30 -13.94 11.64
N ILE A 214 -1.68 -14.06 10.46
CA ILE A 214 -0.52 -14.98 10.34
C ILE A 214 0.73 -14.46 11.07
N CYS A 215 0.86 -13.14 11.26
CA CYS A 215 1.98 -12.63 12.04
C CYS A 215 1.78 -12.83 13.51
N VAL A 216 0.55 -12.78 14.03
CA VAL A 216 0.37 -12.76 15.47
C VAL A 216 -0.40 -13.90 16.11
N LEU A 217 -1.17 -14.63 15.32
CA LEU A 217 -1.95 -15.75 15.80
C LEU A 217 -1.19 -17.03 15.42
N HIS A 218 -0.84 -17.85 16.40
CA HIS A 218 -0.05 -19.09 16.17
C HIS A 218 -0.81 -20.31 16.49
N TYR A 219 -0.42 -21.42 15.85
CA TYR A 219 -1.16 -22.64 15.83
C TYR A 219 -1.31 -23.26 17.23
N ASP A 220 -0.48 -22.88 18.19
CA ASP A 220 -0.53 -23.45 19.55
C ASP A 220 -1.01 -22.46 20.59
N ILE A 221 -1.57 -21.33 20.19
CA ILE A 221 -1.97 -20.30 21.18
C ILE A 221 -3.47 -20.05 20.93
N ILE A 222 -4.21 -19.91 22.03
CA ILE A 222 -5.64 -19.60 21.98
C ILE A 222 -5.86 -18.28 22.70
N TRP A 223 -6.81 -17.51 22.18
CA TRP A 223 -7.15 -16.19 22.70
C TRP A 223 -8.64 -16.12 23.06
N PRO A 224 -9.07 -16.82 24.12
CA PRO A 224 -10.52 -16.84 24.36
C PRO A 224 -11.15 -15.44 24.58
N SER A 225 -10.40 -14.49 25.13
CA SER A 225 -10.93 -13.15 25.42
C SER A 225 -10.56 -12.16 24.33
N GLY A 226 -9.98 -12.66 23.23
CA GLY A 226 -9.68 -11.84 22.06
C GLY A 226 -8.20 -11.54 22.03
N PHE A 227 -7.71 -11.26 20.82
CA PHE A 227 -6.27 -11.05 20.63
C PHE A 227 -5.87 -9.78 21.32
N VAL A 228 -4.77 -9.85 22.05
CA VAL A 228 -4.00 -8.72 22.57
C VAL A 228 -2.52 -8.75 22.10
N CYS A 229 -2.03 -7.64 21.52
CA CYS A 229 -0.61 -7.53 21.03
C CYS A 229 0.46 -7.43 22.12
N ASP A 230 1.68 -7.81 21.78
CA ASP A 230 2.85 -7.62 22.67
C ASP A 230 3.11 -6.13 22.91
N ASN A 231 3.58 -5.78 24.10
CA ASN A 231 3.37 -4.44 24.63
C ASN A 231 1.96 -3.96 24.30
N CYS A 232 1.25 -3.58 25.35
CA CYS A 232 -0.18 -3.85 25.57
C CYS A 232 -0.18 -5.04 26.56
N LEU A 233 0.60 -6.10 26.27
CA LEU A 233 0.60 -7.36 27.03
C LEU A 233 1.82 -7.46 27.94
N ARG B 5 -6.77 1.26 -27.08
CA ARG B 5 -6.39 1.62 -25.67
C ARG B 5 -5.09 2.41 -25.61
N HIS B 6 -5.12 3.52 -24.92
CA HIS B 6 -3.98 4.44 -25.02
C HIS B 6 -2.81 4.02 -24.15
N ARG B 7 -1.68 4.67 -24.37
CA ARG B 7 -0.45 4.38 -23.63
C ARG B 7 0.17 5.70 -23.30
OH ALY B 8 0.04 5.32 -14.90
CH ALY B 8 0.77 6.28 -14.73
CH3 ALY B 8 1.47 6.56 -13.46
NZ ALY B 8 1.01 7.14 -15.70
CE ALY B 8 0.39 7.08 -17.03
CD ALY B 8 1.51 7.18 -18.07
CG ALY B 8 1.03 6.95 -19.49
CB ALY B 8 2.22 6.93 -20.48
CA ALY B 8 1.58 7.03 -21.86
N ALY B 8 0.98 5.75 -22.25
C ALY B 8 2.60 7.47 -22.89
O ALY B 8 3.55 6.80 -23.17
N VAL B 9 2.39 8.67 -23.40
CA VAL B 9 3.02 9.13 -24.61
C VAL B 9 4.10 10.07 -24.19
ZN ZN C . 2.40 -8.54 9.66
ZN ZN D . -2.16 -3.64 21.39
#